data_1S55
#
_entry.id   1S55
#
_cell.length_a   65.527
_cell.length_b   81.322
_cell.length_c   99.813
_cell.angle_alpha   90.00
_cell.angle_beta   90.00
_cell.angle_gamma   90.00
#
_symmetry.space_group_name_H-M   'P 21 21 21'
#
loop_
_entity.id
_entity.type
_entity.pdbx_description
1 polymer 'Tumor necrosis factor ligand superfamily member 11'
2 non-polymer 'CHLORIDE ION'
3 water water
#
_entity_poly.entity_id   1
_entity_poly.type   'polypeptide(L)'
_entity_poly.pdbx_seq_one_letter_code
;AQPFAHLTINAASIPSGSHKVTLSSWYHDRGWAKISNMTLSNGKLRVNQDGFYYLYANICFRHHETSGSVPTDYLQLMVY
VVKTSIKIPSSHNLMKGGSTKNWSGNSEFHFYSINVGGFFKLRAGEEISIQVSNPSLLDPDQDATYFGAFKVQDID
;
_entity_poly.pdbx_strand_id   A,B,C
#
# COMPACT_ATOMS: atom_id res chain seq x y z
N ALA A 1 1.88 -26.51 4.14
CA ALA A 1 1.04 -26.07 2.99
C ALA A 1 0.08 -24.93 3.40
N GLN A 2 0.64 -23.84 3.92
CA GLN A 2 -0.14 -22.68 4.35
C GLN A 2 -1.04 -22.14 3.21
N PRO A 3 -2.28 -21.77 3.53
CA PRO A 3 -3.21 -21.23 2.53
C PRO A 3 -2.76 -19.87 1.99
N PHE A 4 -3.01 -19.63 0.71
CA PHE A 4 -2.66 -18.36 0.08
C PHE A 4 -3.32 -18.22 -1.27
N ALA A 5 -3.24 -17.03 -1.82
CA ALA A 5 -3.79 -16.75 -3.14
C ALA A 5 -3.32 -15.39 -3.61
N HIS A 6 -3.05 -15.30 -4.90
CA HIS A 6 -2.67 -14.07 -5.56
C HIS A 6 -3.50 -14.19 -6.82
N LEU A 7 -4.52 -13.36 -6.94
CA LEU A 7 -5.42 -13.43 -8.08
C LEU A 7 -5.25 -12.22 -8.99
N THR A 8 -5.23 -12.47 -10.29
CA THR A 8 -5.05 -11.37 -11.24
C THR A 8 -6.33 -11.17 -12.02
N ILE A 9 -6.58 -9.93 -12.42
CA ILE A 9 -7.79 -9.60 -13.14
C ILE A 9 -7.90 -10.27 -14.50
N ASN A 10 -9.11 -10.69 -14.84
CA ASN A 10 -9.37 -11.30 -16.12
C ASN A 10 -10.13 -10.25 -16.93
N ALA A 11 -9.41 -9.56 -17.81
CA ALA A 11 -9.97 -8.50 -18.65
C ALA A 11 -11.26 -8.90 -19.33
N ALA A 12 -11.23 -10.03 -20.02
CA ALA A 12 -12.37 -10.57 -20.74
C ALA A 12 -13.69 -10.09 -20.15
N SER A 13 -13.99 -10.55 -18.94
CA SER A 13 -15.23 -10.18 -18.27
C SER A 13 -15.03 -9.01 -17.33
N ILE A 14 -15.51 -7.84 -17.74
CA ILE A 14 -15.42 -6.62 -16.94
C ILE A 14 -16.55 -5.67 -17.32
N PRO A 15 -17.43 -5.37 -16.35
CA PRO A 15 -18.58 -4.47 -16.55
C PRO A 15 -18.21 -3.18 -17.27
N SER A 16 -18.91 -2.90 -18.37
CA SER A 16 -18.65 -1.70 -19.16
C SER A 16 -19.51 -0.53 -18.69
N GLY A 17 -20.36 -0.78 -17.71
CA GLY A 17 -21.22 0.26 -17.19
C GLY A 17 -20.41 1.31 -16.43
N SER A 18 -21.09 2.17 -15.69
CA SER A 18 -20.41 3.21 -14.93
C SER A 18 -20.62 3.04 -13.42
N HIS A 19 -21.31 1.98 -13.02
CA HIS A 19 -21.57 1.75 -11.59
C HIS A 19 -20.50 0.98 -10.86
N LYS A 20 -20.50 1.12 -9.55
CA LYS A 20 -19.57 0.38 -8.70
C LYS A 20 -20.03 -1.08 -8.80
N VAL A 21 -19.08 -2.02 -8.92
CA VAL A 21 -19.45 -3.41 -9.03
C VAL A 21 -18.48 -4.32 -8.30
N THR A 22 -18.91 -5.57 -8.14
CA THR A 22 -18.06 -6.58 -7.56
C THR A 22 -17.38 -7.18 -8.76
N LEU A 23 -16.05 -7.23 -8.74
CA LEU A 23 -15.32 -7.84 -9.86
C LEU A 23 -15.48 -9.35 -9.70
N SER A 24 -15.92 -10.03 -10.76
CA SER A 24 -16.14 -11.47 -10.63
C SER A 24 -15.33 -12.37 -11.53
N SER A 25 -14.30 -11.82 -12.18
CA SER A 25 -13.45 -12.60 -13.06
C SER A 25 -11.97 -12.41 -12.76
N TRP A 26 -11.38 -13.41 -12.11
CA TRP A 26 -9.97 -13.37 -11.76
C TRP A 26 -9.27 -14.66 -12.17
N TYR A 27 -7.96 -14.59 -12.39
CA TYR A 27 -7.15 -15.77 -12.74
C TYR A 27 -6.50 -16.28 -11.46
N HIS A 28 -6.33 -17.59 -11.39
CA HIS A 28 -5.71 -18.23 -10.25
C HIS A 28 -4.71 -19.28 -10.78
N ASP A 29 -4.59 -19.34 -12.09
CA ASP A 29 -3.80 -20.40 -12.72
C ASP A 29 -2.84 -20.02 -13.82
N ARG A 30 -2.29 -18.82 -13.79
CA ARG A 30 -1.39 -18.43 -14.86
C ARG A 30 -0.64 -17.18 -14.46
N GLY A 31 0.56 -17.02 -15.00
CA GLY A 31 1.35 -15.85 -14.66
C GLY A 31 1.65 -15.87 -13.18
N TRP A 32 1.51 -14.72 -12.53
CA TRP A 32 1.76 -14.63 -11.09
C TRP A 32 0.56 -15.15 -10.28
N ALA A 33 -0.58 -15.31 -10.94
CA ALA A 33 -1.78 -15.80 -10.27
C ALA A 33 -1.53 -17.20 -9.74
N LYS A 34 -2.02 -17.45 -8.53
CA LYS A 34 -1.82 -18.73 -7.89
C LYS A 34 -2.76 -18.83 -6.70
N ILE A 35 -3.01 -20.05 -6.26
CA ILE A 35 -3.92 -20.27 -5.15
C ILE A 35 -3.57 -21.61 -4.50
N SER A 36 -3.75 -21.72 -3.19
CA SER A 36 -3.46 -22.94 -2.46
C SER A 36 -4.30 -23.04 -1.19
N ASN A 37 -5.10 -24.08 -1.10
CA ASN A 37 -5.95 -24.29 0.07
C ASN A 37 -6.99 -23.17 0.28
N MET A 38 -7.45 -22.61 -0.83
CA MET A 38 -8.47 -21.58 -0.85
C MET A 38 -9.22 -21.88 -2.14
N THR A 39 -10.44 -21.37 -2.27
CA THR A 39 -11.23 -21.64 -3.45
C THR A 39 -11.82 -20.38 -4.07
N LEU A 40 -11.52 -20.16 -5.34
CA LEU A 40 -12.03 -19.01 -6.05
C LEU A 40 -13.35 -19.40 -6.69
N SER A 41 -14.44 -18.74 -6.29
CA SER A 41 -15.74 -19.04 -6.87
C SER A 41 -16.54 -17.78 -7.14
N ASN A 42 -16.89 -17.59 -8.40
CA ASN A 42 -17.65 -16.42 -8.82
C ASN A 42 -16.98 -15.13 -8.40
N GLY A 43 -15.67 -15.08 -8.56
CA GLY A 43 -14.93 -13.88 -8.21
C GLY A 43 -14.71 -13.68 -6.74
N LYS A 44 -15.15 -14.62 -5.91
CA LYS A 44 -14.95 -14.52 -4.48
C LYS A 44 -13.92 -15.54 -3.99
N LEU A 45 -13.01 -15.07 -3.15
CA LEU A 45 -11.96 -15.90 -2.59
C LEU A 45 -12.48 -16.50 -1.30
N ARG A 46 -12.86 -17.77 -1.36
CA ARG A 46 -13.38 -18.46 -0.18
C ARG A 46 -12.27 -19.02 0.70
N VAL A 47 -12.38 -18.75 2.00
CA VAL A 47 -11.43 -19.24 2.99
C VAL A 47 -11.86 -20.65 3.36
N ASN A 48 -10.92 -21.59 3.31
CA ASN A 48 -11.20 -22.99 3.64
C ASN A 48 -10.59 -23.43 4.96
N GLN A 49 -9.74 -22.58 5.53
CA GLN A 49 -9.09 -22.91 6.79
C GLN A 49 -9.00 -21.70 7.72
N ASP A 50 -9.59 -21.84 8.90
CA ASP A 50 -9.60 -20.78 9.90
C ASP A 50 -8.17 -20.28 10.13
N GLY A 51 -8.04 -18.99 10.40
CA GLY A 51 -6.72 -18.44 10.67
C GLY A 51 -6.66 -16.94 10.51
N PHE A 52 -5.49 -16.37 10.76
CA PHE A 52 -5.32 -14.94 10.59
C PHE A 52 -4.65 -14.83 9.24
N TYR A 53 -5.17 -13.97 8.39
CA TYR A 53 -4.60 -13.82 7.06
C TYR A 53 -4.25 -12.38 6.79
N TYR A 54 -3.20 -12.18 6.01
CA TYR A 54 -2.90 -10.82 5.62
C TYR A 54 -3.63 -10.72 4.29
N LEU A 55 -4.39 -9.65 4.09
CA LEU A 55 -5.14 -9.44 2.85
C LEU A 55 -4.63 -8.19 2.15
N TYR A 56 -4.59 -8.22 0.83
CA TYR A 56 -4.14 -7.05 0.09
C TYR A 56 -4.79 -6.98 -1.28
N ALA A 57 -4.74 -5.80 -1.85
CA ALA A 57 -5.29 -5.55 -3.17
C ALA A 57 -4.59 -4.35 -3.78
N ASN A 58 -4.33 -4.42 -5.08
CA ASN A 58 -3.72 -3.32 -5.81
C ASN A 58 -4.59 -3.11 -7.04
N ILE A 59 -5.13 -1.92 -7.19
CA ILE A 59 -5.99 -1.64 -8.32
C ILE A 59 -5.49 -0.48 -9.13
N CYS A 60 -5.36 -0.67 -10.44
CA CYS A 60 -4.91 0.40 -11.32
C CYS A 60 -6.00 0.81 -12.30
N PHE A 61 -6.20 2.12 -12.39
CA PHE A 61 -7.14 2.72 -13.30
C PHE A 61 -6.32 3.52 -14.31
N ARG A 62 -6.73 3.51 -15.57
CA ARG A 62 -6.01 4.27 -16.58
C ARG A 62 -6.96 4.70 -17.67
N HIS A 63 -6.53 5.67 -18.47
CA HIS A 63 -7.37 6.15 -19.55
C HIS A 63 -6.54 6.83 -20.63
N HIS A 64 -6.73 6.40 -21.87
CA HIS A 64 -6.04 6.99 -23.03
C HIS A 64 -7.13 7.71 -23.81
N GLU A 65 -6.86 8.93 -24.27
CA GLU A 65 -7.86 9.67 -25.02
C GLU A 65 -8.35 8.92 -26.25
N THR A 66 -7.54 7.96 -26.71
CA THR A 66 -7.87 7.15 -27.87
C THR A 66 -8.98 6.17 -27.53
N SER A 67 -9.11 5.87 -26.23
CA SER A 67 -10.14 4.95 -25.76
C SER A 67 -11.47 5.70 -25.64
N GLY A 68 -11.44 6.99 -25.95
CA GLY A 68 -12.65 7.78 -25.86
C GLY A 68 -12.56 8.84 -24.78
N SER A 69 -13.66 9.07 -24.08
CA SER A 69 -13.71 10.06 -23.00
C SER A 69 -14.23 9.47 -21.71
N VAL A 70 -13.86 10.09 -20.59
CA VAL A 70 -14.30 9.63 -19.28
C VAL A 70 -15.77 9.99 -19.08
N PRO A 71 -16.45 9.28 -18.16
CA PRO A 71 -17.87 9.50 -17.86
C PRO A 71 -18.15 10.84 -17.20
N THR A 72 -17.17 11.33 -16.45
CA THR A 72 -17.33 12.61 -15.77
C THR A 72 -15.95 13.18 -15.53
N ASP A 73 -15.91 14.48 -15.25
CA ASP A 73 -14.65 15.17 -15.03
C ASP A 73 -13.99 14.79 -13.73
N TYR A 74 -14.76 14.78 -12.63
CA TYR A 74 -14.20 14.43 -11.34
C TYR A 74 -14.65 13.01 -10.94
N LEU A 75 -13.80 12.03 -11.25
CA LEU A 75 -14.05 10.61 -10.99
C LEU A 75 -13.74 10.13 -9.58
N GLN A 76 -14.52 9.16 -9.10
CA GLN A 76 -14.25 8.57 -7.80
C GLN A 76 -13.66 7.20 -8.16
N LEU A 77 -12.37 7.03 -7.88
CA LEU A 77 -11.66 5.79 -8.20
C LEU A 77 -11.43 5.13 -6.84
N MET A 78 -12.29 4.16 -6.53
CA MET A 78 -12.29 3.49 -5.24
C MET A 78 -12.26 1.97 -5.27
N VAL A 79 -11.78 1.41 -4.17
CA VAL A 79 -11.75 -0.03 -4.03
C VAL A 79 -12.23 -0.38 -2.63
N TYR A 80 -13.02 -1.44 -2.57
CA TYR A 80 -13.55 -1.93 -1.31
C TYR A 80 -13.26 -3.43 -1.25
N VAL A 81 -12.60 -3.86 -0.18
CA VAL A 81 -12.33 -5.28 0.02
C VAL A 81 -13.45 -5.71 0.99
N VAL A 82 -14.31 -6.60 0.51
CA VAL A 82 -15.47 -7.05 1.25
C VAL A 82 -15.46 -8.50 1.68
N LYS A 83 -16.10 -8.75 2.82
CA LYS A 83 -16.19 -10.09 3.38
C LYS A 83 -17.65 -10.50 3.43
N THR A 84 -17.95 -11.65 2.83
CA THR A 84 -19.30 -12.20 2.83
C THR A 84 -19.21 -13.64 3.33
N SER A 85 -20.35 -14.33 3.39
CA SER A 85 -20.37 -15.70 3.90
C SER A 85 -21.25 -16.63 3.06
N ILE A 86 -20.87 -17.90 2.97
CA ILE A 86 -21.64 -18.86 2.18
C ILE A 86 -22.88 -19.30 2.97
N LYS A 87 -22.86 -19.04 4.27
CA LYS A 87 -23.96 -19.39 5.15
C LYS A 87 -25.02 -18.30 5.24
N ILE A 88 -24.60 -17.10 5.63
CA ILE A 88 -25.53 -15.98 5.73
C ILE A 88 -25.20 -14.91 4.69
N PRO A 89 -26.23 -14.19 4.21
CA PRO A 89 -26.05 -13.14 3.20
C PRO A 89 -25.41 -11.85 3.75
N SER A 90 -24.66 -11.97 4.84
CA SER A 90 -23.98 -10.83 5.45
C SER A 90 -22.91 -10.26 4.52
N SER A 91 -22.62 -8.98 4.64
CA SER A 91 -21.62 -8.32 3.81
C SER A 91 -20.95 -7.20 4.58
N HIS A 92 -19.64 -7.30 4.81
CA HIS A 92 -18.94 -6.28 5.56
C HIS A 92 -17.68 -5.76 4.86
N ASN A 93 -17.40 -4.48 5.04
CA ASN A 93 -16.22 -3.87 4.45
C ASN A 93 -15.03 -4.01 5.38
N LEU A 94 -13.97 -4.62 4.88
CA LEU A 94 -12.75 -4.79 5.67
C LEU A 94 -11.79 -3.64 5.43
N MET A 95 -11.63 -3.25 4.16
CA MET A 95 -10.71 -2.18 3.80
C MET A 95 -11.29 -1.34 2.68
N LYS A 96 -10.89 -0.07 2.67
CA LYS A 96 -11.34 0.88 1.68
C LYS A 96 -10.20 1.82 1.27
N GLY A 97 -10.15 2.18 0.00
CA GLY A 97 -9.11 3.08 -0.45
C GLY A 97 -9.46 3.69 -1.80
N GLY A 98 -8.67 4.69 -2.21
CA GLY A 98 -8.91 5.35 -3.48
C GLY A 98 -8.92 6.85 -3.34
N SER A 99 -9.43 7.53 -4.36
CA SER A 99 -9.52 8.97 -4.32
C SER A 99 -10.29 9.56 -5.48
N THR A 100 -10.61 10.84 -5.34
CA THR A 100 -11.33 11.55 -6.38
C THR A 100 -10.25 12.19 -7.25
N LYS A 101 -10.36 12.01 -8.56
CA LYS A 101 -9.38 12.52 -9.50
C LYS A 101 -10.05 13.25 -10.64
N ASN A 102 -9.42 14.34 -11.05
CA ASN A 102 -9.94 15.12 -12.16
C ASN A 102 -9.15 14.68 -13.38
N TRP A 103 -9.81 13.94 -14.27
CA TRP A 103 -9.14 13.47 -15.46
C TRP A 103 -9.70 14.19 -16.68
N SER A 104 -10.20 15.41 -16.47
CA SER A 104 -10.76 16.18 -17.59
C SER A 104 -9.69 16.55 -18.61
N GLY A 105 -9.97 16.21 -19.87
CA GLY A 105 -9.08 16.48 -20.98
C GLY A 105 -7.62 16.76 -20.67
N ASN A 106 -7.08 17.77 -21.35
CA ASN A 106 -5.69 18.15 -21.19
C ASN A 106 -4.77 16.98 -21.52
N SER A 107 -4.20 16.37 -20.48
CA SER A 107 -3.31 15.23 -20.66
C SER A 107 -3.87 14.21 -21.64
N GLU A 108 -2.98 13.48 -22.28
CA GLU A 108 -3.39 12.47 -23.25
C GLU A 108 -3.52 11.13 -22.54
N PHE A 109 -2.97 11.05 -21.34
CA PHE A 109 -3.02 9.81 -20.59
C PHE A 109 -3.22 10.06 -19.09
N HIS A 110 -4.10 9.27 -18.49
CA HIS A 110 -4.37 9.38 -17.07
C HIS A 110 -4.17 8.04 -16.38
N PHE A 111 -3.55 8.07 -15.21
CA PHE A 111 -3.26 6.84 -14.49
C PHE A 111 -3.36 7.07 -12.98
N TYR A 112 -3.85 6.05 -12.27
CA TYR A 112 -3.97 6.10 -10.82
C TYR A 112 -4.11 4.70 -10.21
N SER A 113 -3.31 4.42 -9.19
CA SER A 113 -3.38 3.10 -8.55
C SER A 113 -3.72 3.26 -7.09
N ILE A 114 -4.35 2.23 -6.52
CA ILE A 114 -4.68 2.23 -5.10
C ILE A 114 -4.16 0.93 -4.56
N ASN A 115 -3.75 0.97 -3.30
CA ASN A 115 -3.23 -0.21 -2.64
C ASN A 115 -3.76 -0.23 -1.21
N VAL A 116 -4.20 -1.40 -0.77
CA VAL A 116 -4.66 -1.57 0.60
C VAL A 116 -4.16 -2.91 1.13
N GLY A 117 -3.98 -2.99 2.44
CA GLY A 117 -3.52 -4.22 3.08
C GLY A 117 -4.02 -4.26 4.51
N GLY A 118 -4.04 -5.44 5.11
CA GLY A 118 -4.51 -5.56 6.48
C GLY A 118 -4.49 -6.97 7.03
N PHE A 119 -4.43 -7.08 8.36
CA PHE A 119 -4.37 -8.36 9.05
C PHE A 119 -5.78 -8.68 9.57
N PHE A 120 -6.39 -9.74 9.05
CA PHE A 120 -7.75 -10.09 9.48
C PHE A 120 -7.96 -11.53 9.93
N LYS A 121 -8.91 -11.71 10.84
CA LYS A 121 -9.22 -13.05 11.33
C LYS A 121 -10.31 -13.57 10.42
N LEU A 122 -10.08 -14.75 9.85
CA LEU A 122 -11.04 -15.34 8.93
C LEU A 122 -11.35 -16.77 9.27
N ARG A 123 -12.58 -17.18 9.00
CA ARG A 123 -13.00 -18.54 9.28
C ARG A 123 -13.47 -19.20 7.99
N ALA A 124 -13.38 -20.53 7.96
CA ALA A 124 -13.81 -21.30 6.80
C ALA A 124 -15.21 -20.89 6.42
N GLY A 125 -15.47 -20.73 5.12
CA GLY A 125 -16.79 -20.33 4.68
C GLY A 125 -16.90 -18.84 4.39
N GLU A 126 -16.01 -18.04 4.97
CA GLU A 126 -16.03 -16.61 4.70
C GLU A 126 -15.37 -16.38 3.34
N GLU A 127 -15.81 -15.34 2.64
CA GLU A 127 -15.28 -15.04 1.30
C GLU A 127 -14.85 -13.59 1.16
N ILE A 128 -13.70 -13.40 0.52
CA ILE A 128 -13.17 -12.07 0.27
C ILE A 128 -13.44 -11.73 -1.19
N SER A 129 -13.96 -10.54 -1.44
CA SER A 129 -14.24 -10.13 -2.82
C SER A 129 -13.83 -8.66 -2.99
N ILE A 130 -13.77 -8.21 -4.23
CA ILE A 130 -13.37 -6.87 -4.58
C ILE A 130 -14.45 -6.10 -5.30
N GLN A 131 -14.73 -4.90 -4.82
CA GLN A 131 -15.69 -4.01 -5.46
C GLN A 131 -14.91 -2.76 -5.84
N VAL A 132 -15.15 -2.25 -7.04
CA VAL A 132 -14.50 -1.01 -7.45
C VAL A 132 -15.53 -0.15 -8.18
N SER A 133 -15.23 1.13 -8.26
CA SER A 133 -16.07 2.06 -8.99
C SER A 133 -15.34 2.17 -10.33
N ASN A 134 -16.00 2.73 -11.33
CA ASN A 134 -15.39 2.89 -12.64
C ASN A 134 -14.61 1.70 -13.17
N PRO A 135 -15.23 0.50 -13.12
CA PRO A 135 -14.60 -0.73 -13.58
C PRO A 135 -14.13 -0.67 -15.02
N SER A 136 -14.80 0.14 -15.84
CA SER A 136 -14.41 0.25 -17.24
C SER A 136 -13.05 0.93 -17.42
N LEU A 137 -12.54 1.56 -16.38
CA LEU A 137 -11.24 2.22 -16.47
C LEU A 137 -10.09 1.36 -15.91
N LEU A 138 -10.41 0.13 -15.50
CA LEU A 138 -9.39 -0.76 -14.95
C LEU A 138 -8.30 -1.18 -15.91
N ASP A 139 -7.07 -1.22 -15.40
CA ASP A 139 -5.92 -1.66 -16.15
C ASP A 139 -5.95 -3.20 -16.02
N PRO A 140 -5.98 -3.91 -17.16
CA PRO A 140 -6.02 -5.38 -17.19
C PRO A 140 -4.74 -6.18 -16.95
N ASP A 141 -3.59 -5.52 -16.83
CA ASP A 141 -2.33 -6.24 -16.62
C ASP A 141 -2.23 -6.89 -15.24
N GLN A 142 -1.63 -8.07 -15.21
CA GLN A 142 -1.48 -8.85 -13.99
C GLN A 142 -0.65 -8.17 -12.91
N ASP A 143 0.27 -7.29 -13.34
CA ASP A 143 1.13 -6.56 -12.40
C ASP A 143 0.39 -5.32 -11.89
N ALA A 144 -0.71 -5.00 -12.56
CA ALA A 144 -1.49 -3.82 -12.22
C ALA A 144 -2.65 -4.00 -11.24
N THR A 145 -3.55 -4.91 -11.61
CA THR A 145 -4.75 -5.14 -10.83
C THR A 145 -4.83 -6.56 -10.34
N TYR A 146 -4.77 -6.73 -9.03
CA TYR A 146 -4.80 -8.06 -8.44
C TYR A 146 -5.13 -7.93 -6.96
N PHE A 147 -5.41 -9.04 -6.29
CA PHE A 147 -5.65 -9.03 -4.85
C PHE A 147 -5.25 -10.38 -4.34
N GLY A 148 -4.96 -10.48 -3.05
CA GLY A 148 -4.56 -11.77 -2.53
C GLY A 148 -4.62 -11.86 -1.02
N ALA A 149 -4.17 -13.01 -0.55
CA ALA A 149 -4.17 -13.31 0.86
C ALA A 149 -3.19 -14.42 1.17
N PHE A 150 -2.81 -14.50 2.44
CA PHE A 150 -1.95 -15.56 2.90
C PHE A 150 -2.08 -15.63 4.42
N LYS A 151 -2.26 -16.85 4.92
CA LYS A 151 -2.42 -17.10 6.35
C LYS A 151 -1.08 -16.96 7.06
N VAL A 152 -1.08 -16.20 8.15
CA VAL A 152 0.14 -15.97 8.91
C VAL A 152 0.21 -16.84 10.16
N GLN A 153 -0.96 -17.16 10.73
CA GLN A 153 -1.02 -17.98 11.93
C GLN A 153 -2.45 -18.44 12.22
N ASP A 154 -2.57 -19.60 12.87
CA ASP A 154 -3.88 -20.15 13.20
C ASP A 154 -4.58 -19.28 14.25
N ILE A 155 -5.90 -19.43 14.37
CA ILE A 155 -6.65 -18.65 15.35
C ILE A 155 -6.42 -19.22 16.75
N ASP A 156 -6.09 -18.34 17.70
CA ASP A 156 -5.86 -18.76 19.08
C ASP A 156 -4.79 -19.85 19.21
N ALA B 1 0.16 -18.10 17.67
CA ALA B 1 1.50 -18.38 18.26
C ALA B 1 2.42 -17.17 18.16
N GLN B 2 1.97 -16.12 17.46
CA GLN B 2 2.76 -14.90 17.31
C GLN B 2 1.91 -13.66 17.56
N PRO B 3 2.52 -12.58 18.11
CA PRO B 3 1.81 -11.34 18.38
C PRO B 3 1.40 -10.57 17.13
N PHE B 4 0.37 -9.76 17.25
CA PHE B 4 -0.14 -8.99 16.12
C PHE B 4 -1.03 -7.87 16.64
N ALA B 5 -1.50 -7.03 15.73
CA ALA B 5 -2.39 -5.94 16.08
C ALA B 5 -2.96 -5.26 14.83
N HIS B 6 -4.22 -4.86 14.96
CA HIS B 6 -4.96 -4.18 13.90
C HIS B 6 -5.83 -3.20 14.66
N LEU B 7 -5.44 -1.93 14.67
CA LEU B 7 -6.18 -0.92 15.40
C LEU B 7 -6.98 -0.02 14.45
N THR B 8 -8.20 0.29 14.84
CA THR B 8 -9.08 1.13 14.02
C THR B 8 -9.30 2.48 14.70
N ILE B 9 -9.51 3.51 13.90
CA ILE B 9 -9.70 4.86 14.42
C ILE B 9 -10.91 5.01 15.32
N ASN B 10 -10.74 5.78 16.39
CA ASN B 10 -11.81 6.05 17.34
C ASN B 10 -12.00 7.56 17.38
N ALA B 11 -12.93 8.06 16.57
CA ALA B 11 -13.20 9.48 16.50
C ALA B 11 -13.94 9.98 17.74
N ALA B 12 -13.85 9.23 18.84
CA ALA B 12 -14.51 9.60 20.09
C ALA B 12 -14.15 11.04 20.44
N SER B 13 -12.91 11.41 20.15
CA SER B 13 -12.43 12.77 20.43
C SER B 13 -12.87 13.73 19.33
N ILE B 14 -12.26 14.91 19.28
CA ILE B 14 -12.60 15.91 18.28
C ILE B 14 -11.36 16.59 17.69
N PRO B 15 -10.37 15.80 17.23
CA PRO B 15 -9.14 16.37 16.65
C PRO B 15 -9.46 17.26 15.44
N SER B 16 -9.52 18.57 15.66
CA SER B 16 -9.81 19.50 14.58
C SER B 16 -8.66 20.46 14.31
N GLY B 17 -7.61 19.94 13.69
CA GLY B 17 -6.44 20.77 13.37
C GLY B 17 -5.94 20.50 11.98
N SER B 18 -4.84 21.17 11.62
CA SER B 18 -4.25 21.00 10.30
C SER B 18 -2.80 20.54 10.39
N HIS B 19 -2.11 20.98 11.44
CA HIS B 19 -0.72 20.61 11.65
C HIS B 19 -0.67 19.12 11.93
N LYS B 20 0.51 18.52 11.74
CA LYS B 20 0.66 17.10 12.00
C LYS B 20 0.58 16.85 13.50
N VAL B 21 -0.23 15.87 13.89
CA VAL B 21 -0.42 15.51 15.28
C VAL B 21 -0.27 14.00 15.45
N THR B 22 -0.36 13.54 16.70
CA THR B 22 -0.25 12.11 16.97
C THR B 22 -1.58 11.53 17.43
N LEU B 23 -2.21 10.73 16.57
CA LEU B 23 -3.48 10.10 16.89
C LEU B 23 -3.32 9.23 18.12
N SER B 24 -4.14 9.49 19.13
CA SER B 24 -4.06 8.77 20.39
C SER B 24 -5.31 7.97 20.74
N SER B 25 -6.33 8.03 19.90
CA SER B 25 -7.55 7.29 20.15
C SER B 25 -7.78 6.17 19.12
N TRP B 26 -7.51 4.94 19.54
CA TRP B 26 -7.67 3.77 18.68
C TRP B 26 -8.41 2.64 19.41
N TYR B 27 -9.10 1.82 18.65
CA TYR B 27 -9.82 0.67 19.20
C TYR B 27 -8.91 -0.54 19.11
N HIS B 28 -9.17 -1.54 19.94
CA HIS B 28 -8.37 -2.75 19.94
C HIS B 28 -9.21 -3.98 20.25
N ASP B 29 -10.53 -3.80 20.33
CA ASP B 29 -11.42 -4.90 20.67
C ASP B 29 -12.82 -4.72 20.11
N ARG B 30 -12.92 -4.12 18.93
CA ARG B 30 -14.22 -3.87 18.33
C ARG B 30 -14.13 -4.14 16.83
N GLY B 31 -15.12 -4.84 16.29
CA GLY B 31 -15.11 -5.13 14.87
C GLY B 31 -13.84 -5.87 14.45
N TRP B 32 -13.10 -5.28 13.52
CA TRP B 32 -11.87 -5.92 13.04
C TRP B 32 -10.70 -5.56 13.97
N ALA B 33 -10.89 -4.54 14.81
CA ALA B 33 -9.84 -4.12 15.73
C ALA B 33 -9.52 -5.28 16.66
N LYS B 34 -8.24 -5.56 16.83
CA LYS B 34 -7.83 -6.66 17.68
C LYS B 34 -6.37 -6.48 18.08
N ILE B 35 -5.90 -7.31 18.98
CA ILE B 35 -4.51 -7.22 19.43
C ILE B 35 -4.16 -8.46 20.25
N SER B 36 -2.90 -8.86 20.17
CA SER B 36 -2.42 -10.04 20.88
C SER B 36 -0.95 -9.90 21.27
N ASN B 37 -0.69 -10.03 22.57
CA ASN B 37 0.65 -9.91 23.13
C ASN B 37 1.17 -8.47 23.08
N MET B 38 0.55 -7.65 22.24
CA MET B 38 0.97 -6.25 22.13
C MET B 38 0.04 -5.39 22.99
N THR B 39 0.51 -4.22 23.40
CA THR B 39 -0.30 -3.33 24.22
C THR B 39 -0.47 -1.94 23.62
N LEU B 40 -1.66 -1.37 23.80
CA LEU B 40 -1.96 -0.05 23.28
C LEU B 40 -2.06 0.97 24.43
N SER B 41 -1.36 2.08 24.29
CA SER B 41 -1.38 3.12 25.30
C SER B 41 -1.59 4.49 24.67
N ASN B 42 -2.86 4.85 24.48
CA ASN B 42 -3.21 6.13 23.88
C ASN B 42 -2.49 6.39 22.55
N GLY B 43 -2.73 5.52 21.58
CA GLY B 43 -2.10 5.67 20.28
C GLY B 43 -0.65 5.21 20.25
N LYS B 44 -0.29 4.33 21.18
CA LYS B 44 1.06 3.80 21.24
C LYS B 44 1.07 2.28 21.25
N LEU B 45 1.39 1.69 20.11
CA LEU B 45 1.46 0.25 20.00
C LEU B 45 2.80 -0.21 20.56
N ARG B 46 2.78 -0.65 21.81
CA ARG B 46 3.98 -1.10 22.51
C ARG B 46 4.30 -2.56 22.21
N VAL B 47 5.54 -2.81 21.81
CA VAL B 47 6.00 -4.16 21.49
C VAL B 47 6.43 -4.89 22.78
N ASN B 48 5.79 -6.01 23.06
CA ASN B 48 6.10 -6.79 24.25
C ASN B 48 6.82 -8.08 23.90
N GLN B 49 7.52 -8.08 22.77
CA GLN B 49 8.26 -9.26 22.34
C GLN B 49 9.10 -8.93 21.12
N ASP B 50 10.42 -9.14 21.26
CA ASP B 50 11.36 -8.86 20.17
C ASP B 50 11.08 -9.74 18.95
N GLY B 51 11.53 -9.25 17.79
CA GLY B 51 11.34 -9.98 16.56
C GLY B 51 11.08 -9.02 15.41
N PHE B 52 10.99 -9.54 14.19
CA PHE B 52 10.73 -8.71 13.04
C PHE B 52 9.21 -8.64 12.79
N TYR B 53 8.69 -7.43 12.71
CA TYR B 53 7.27 -7.25 12.47
C TYR B 53 7.00 -6.49 11.18
N TYR B 54 5.87 -6.80 10.54
CA TYR B 54 5.50 -6.08 9.34
C TYR B 54 4.51 -5.02 9.80
N LEU B 55 4.85 -3.76 9.56
CA LEU B 55 3.99 -2.66 9.97
C LEU B 55 3.20 -2.15 8.76
N TYR B 56 1.98 -1.67 9.00
CA TYR B 56 1.16 -1.12 7.94
C TYR B 56 0.16 -0.11 8.48
N ALA B 57 -0.22 0.83 7.63
CA ALA B 57 -1.18 1.86 7.98
C ALA B 57 -1.98 2.30 6.74
N ASN B 58 -3.29 2.46 6.90
CA ASN B 58 -4.13 2.92 5.81
C ASN B 58 -4.89 4.10 6.41
N ILE B 59 -4.74 5.26 5.80
CA ILE B 59 -5.39 6.47 6.30
C ILE B 59 -6.24 7.08 5.21
N CYS B 60 -7.53 7.25 5.46
CA CYS B 60 -8.40 7.85 4.47
C CYS B 60 -8.74 9.29 4.87
N PHE B 61 -8.76 10.17 3.89
CA PHE B 61 -9.09 11.59 4.11
C PHE B 61 -10.26 11.92 3.19
N ARG B 62 -11.17 12.78 3.66
CA ARG B 62 -12.29 13.18 2.82
C ARG B 62 -12.82 14.55 3.25
N HIS B 63 -13.51 15.22 2.35
CA HIS B 63 -14.03 16.55 2.66
C HIS B 63 -15.25 16.96 1.84
N HIS B 64 -16.19 17.63 2.50
CA HIS B 64 -17.43 18.11 1.87
C HIS B 64 -17.44 19.64 1.81
N GLU B 65 -17.86 20.17 0.67
CA GLU B 65 -17.92 21.61 0.46
C GLU B 65 -18.74 22.37 1.51
N THR B 66 -19.78 21.71 2.04
CA THR B 66 -20.64 22.35 3.04
C THR B 66 -19.81 22.84 4.22
N SER B 67 -18.73 22.11 4.54
CA SER B 67 -17.82 22.51 5.59
C SER B 67 -17.07 23.61 4.85
N GLY B 68 -17.72 24.76 4.67
CA GLY B 68 -17.11 25.82 3.90
C GLY B 68 -16.60 27.11 4.52
N SER B 69 -16.18 28.01 3.63
CA SER B 69 -15.62 29.30 4.01
C SER B 69 -14.40 28.98 4.86
N VAL B 70 -13.73 27.90 4.48
CA VAL B 70 -12.53 27.41 5.16
C VAL B 70 -11.55 26.92 4.09
N PRO B 71 -10.26 27.26 4.23
CA PRO B 71 -9.24 26.84 3.26
C PRO B 71 -9.04 25.34 3.08
N THR B 72 -9.22 24.93 1.82
CA THR B 72 -9.05 23.58 1.33
C THR B 72 -8.79 23.87 -0.14
N ASP B 73 -7.72 24.64 -0.33
CA ASP B 73 -7.24 25.09 -1.63
C ASP B 73 -5.98 24.28 -1.83
N TYR B 74 -5.11 24.38 -0.84
CA TYR B 74 -3.86 23.66 -0.81
C TYR B 74 -3.93 22.79 0.42
N LEU B 75 -3.63 21.51 0.26
CA LEU B 75 -3.67 20.59 1.38
C LEU B 75 -2.48 19.64 1.31
N GLN B 76 -2.03 19.22 2.47
CA GLN B 76 -0.92 18.27 2.58
C GLN B 76 -1.41 17.11 3.42
N LEU B 77 -1.87 16.06 2.76
CA LEU B 77 -2.37 14.89 3.46
C LEU B 77 -1.24 13.89 3.62
N MET B 78 -0.67 13.85 4.82
CA MET B 78 0.46 12.99 5.13
C MET B 78 0.24 12.05 6.29
N VAL B 79 1.02 10.97 6.32
CA VAL B 79 0.96 10.02 7.40
C VAL B 79 2.40 9.65 7.76
N TYR B 80 2.63 9.42 9.04
CA TYR B 80 3.96 9.05 9.52
C TYR B 80 3.86 7.95 10.55
N VAL B 81 4.60 6.87 10.33
CA VAL B 81 4.61 5.77 11.27
C VAL B 81 5.93 5.94 12.03
N VAL B 82 5.83 6.51 13.24
CA VAL B 82 6.99 6.78 14.07
C VAL B 82 7.27 5.72 15.13
N LYS B 83 8.54 5.63 15.51
CA LYS B 83 8.96 4.67 16.53
C LYS B 83 9.68 5.38 17.66
N THR B 84 9.29 5.07 18.90
CA THR B 84 9.92 5.65 20.09
C THR B 84 10.30 4.53 21.04
N SER B 85 11.20 4.82 21.99
CA SER B 85 11.64 3.82 22.95
C SER B 85 12.25 4.47 24.20
N ILE B 86 12.78 3.63 25.10
CA ILE B 86 13.43 4.13 26.30
C ILE B 86 14.75 4.70 25.78
N LYS B 87 15.63 3.81 25.33
CA LYS B 87 16.87 4.26 24.71
C LYS B 87 16.33 4.63 23.34
N ILE B 88 17.11 5.29 22.50
CA ILE B 88 16.59 5.73 21.19
C ILE B 88 15.16 6.24 21.39
N PRO B 89 14.96 7.15 22.36
CA PRO B 89 13.64 7.71 22.66
C PRO B 89 13.16 8.75 21.66
N SER B 90 14.09 9.50 21.06
CA SER B 90 13.71 10.51 20.09
C SER B 90 12.89 9.86 18.99
N SER B 91 11.80 10.52 18.60
CA SER B 91 10.93 10.00 17.56
C SER B 91 11.67 9.80 16.25
N HIS B 92 11.51 8.62 15.66
CA HIS B 92 12.15 8.31 14.39
C HIS B 92 11.14 7.72 13.42
N ASN B 93 10.99 8.37 12.27
CA ASN B 93 10.04 7.90 11.27
C ASN B 93 10.50 6.61 10.64
N LEU B 94 9.62 5.62 10.63
CA LEU B 94 9.91 4.33 10.02
C LEU B 94 9.42 4.42 8.56
N MET B 95 8.24 4.99 8.39
CA MET B 95 7.64 5.12 7.08
C MET B 95 6.87 6.44 6.95
N LYS B 96 6.88 6.99 5.74
CA LYS B 96 6.17 8.22 5.46
C LYS B 96 5.41 8.06 4.16
N GLY B 97 4.24 8.70 4.06
CA GLY B 97 3.44 8.60 2.86
C GLY B 97 2.41 9.71 2.80
N GLY B 98 1.89 10.00 1.61
CA GLY B 98 0.90 11.04 1.51
C GLY B 98 0.88 11.74 0.18
N SER B 99 0.21 12.88 0.14
CA SER B 99 0.13 13.63 -1.10
C SER B 99 -0.39 15.05 -0.92
N THR B 100 -0.05 15.92 -1.87
CA THR B 100 -0.55 17.29 -1.82
C THR B 100 -1.78 17.24 -2.72
N LYS B 101 -2.84 17.92 -2.31
CA LYS B 101 -4.07 17.94 -3.09
C LYS B 101 -4.72 19.31 -3.10
N ASN B 102 -5.48 19.57 -4.16
CA ASN B 102 -6.21 20.83 -4.27
C ASN B 102 -7.69 20.45 -4.20
N TRP B 103 -8.27 20.59 -3.01
CA TRP B 103 -9.67 20.25 -2.81
C TRP B 103 -10.56 21.49 -2.74
N SER B 104 -10.29 22.47 -3.61
CA SER B 104 -11.08 23.70 -3.64
C SER B 104 -12.08 23.69 -4.79
N GLY B 105 -12.06 22.63 -5.58
CA GLY B 105 -12.97 22.52 -6.71
C GLY B 105 -14.44 22.59 -6.32
N ASN B 106 -15.31 22.80 -7.30
CA ASN B 106 -16.74 22.89 -7.09
C ASN B 106 -17.35 21.54 -6.71
N SER B 107 -16.53 20.50 -6.73
CA SER B 107 -16.99 19.16 -6.37
C SER B 107 -17.55 19.13 -4.96
N GLU B 108 -18.63 18.38 -4.77
CA GLU B 108 -19.26 18.28 -3.46
C GLU B 108 -18.54 17.28 -2.56
N PHE B 109 -17.68 16.46 -3.15
CA PHE B 109 -16.97 15.45 -2.38
C PHE B 109 -15.52 15.25 -2.84
N HIS B 110 -14.62 15.15 -1.87
CA HIS B 110 -13.20 14.94 -2.15
C HIS B 110 -12.73 13.79 -1.28
N PHE B 111 -11.87 12.94 -1.83
CA PHE B 111 -11.38 11.77 -1.10
C PHE B 111 -9.98 11.36 -1.55
N TYR B 112 -9.20 10.84 -0.62
CA TYR B 112 -7.86 10.37 -0.90
C TYR B 112 -7.42 9.49 0.25
N SER B 113 -6.79 8.36 -0.07
CA SER B 113 -6.34 7.46 0.98
C SER B 113 -4.85 7.23 0.85
N ILE B 114 -4.22 6.94 1.97
CA ILE B 114 -2.79 6.69 2.01
C ILE B 114 -2.53 5.32 2.58
N ASN B 115 -1.55 4.63 2.04
CA ASN B 115 -1.20 3.31 2.54
C ASN B 115 0.32 3.16 2.58
N VAL B 116 0.82 2.57 3.65
CA VAL B 116 2.25 2.32 3.77
C VAL B 116 2.45 1.01 4.52
N GLY B 117 3.53 0.32 4.19
CA GLY B 117 3.84 -0.93 4.84
C GLY B 117 5.32 -1.19 4.75
N GLY B 118 5.86 -1.97 5.68
CA GLY B 118 7.27 -2.26 5.65
C GLY B 118 7.66 -3.32 6.67
N PHE B 119 8.82 -3.94 6.44
CA PHE B 119 9.34 -4.98 7.33
C PHE B 119 10.35 -4.35 8.28
N PHE B 120 10.11 -4.46 9.58
CA PHE B 120 11.04 -3.85 10.55
C PHE B 120 11.46 -4.71 11.73
N LYS B 121 12.65 -4.43 12.24
CA LYS B 121 13.20 -5.13 13.40
C LYS B 121 12.80 -4.34 14.64
N LEU B 122 12.09 -4.97 15.56
CA LEU B 122 11.65 -4.27 16.77
C LEU B 122 12.02 -4.99 18.06
N ARG B 123 12.40 -4.22 19.07
CA ARG B 123 12.76 -4.74 20.38
C ARG B 123 11.63 -4.45 21.36
N ALA B 124 11.42 -5.35 22.31
CA ALA B 124 10.37 -5.15 23.30
C ALA B 124 10.58 -3.80 23.98
N GLY B 125 9.50 -3.15 24.36
CA GLY B 125 9.60 -1.85 25.00
C GLY B 125 9.38 -0.72 24.03
N GLU B 126 9.85 -0.89 22.80
CA GLU B 126 9.67 0.13 21.77
C GLU B 126 8.19 0.32 21.46
N GLU B 127 7.84 1.52 21.02
CA GLU B 127 6.47 1.83 20.69
C GLU B 127 6.31 2.37 19.27
N ILE B 128 5.11 2.15 18.72
CA ILE B 128 4.77 2.60 17.39
C ILE B 128 3.52 3.45 17.46
N SER B 129 3.58 4.64 16.86
CA SER B 129 2.44 5.53 16.86
C SER B 129 2.24 6.10 15.47
N ILE B 130 1.08 6.71 15.24
CA ILE B 130 0.74 7.27 13.95
C ILE B 130 0.57 8.78 14.00
N GLN B 131 1.17 9.48 13.05
CA GLN B 131 1.05 10.93 12.98
C GLN B 131 0.54 11.32 11.59
N VAL B 132 -0.41 12.24 11.55
CA VAL B 132 -0.97 12.71 10.28
C VAL B 132 -1.27 14.19 10.32
N SER B 133 -1.40 14.79 9.15
CA SER B 133 -1.74 16.20 9.05
C SER B 133 -3.24 16.23 8.78
N ASN B 134 -3.87 17.39 8.96
CA ASN B 134 -5.30 17.53 8.74
C ASN B 134 -6.12 16.40 9.36
N PRO B 135 -5.94 16.14 10.65
CA PRO B 135 -6.67 15.07 11.33
C PRO B 135 -8.18 15.24 11.37
N SER B 136 -8.67 16.45 11.11
CA SER B 136 -10.10 16.69 11.13
C SER B 136 -10.74 16.20 9.84
N LEU B 137 -9.90 15.83 8.87
CA LEU B 137 -10.39 15.34 7.58
C LEU B 137 -10.42 13.81 7.52
N LEU B 138 -10.00 13.18 8.61
CA LEU B 138 -9.97 11.72 8.66
C LEU B 138 -11.34 11.05 8.55
N ASP B 139 -11.35 9.89 7.90
CA ASP B 139 -12.56 9.10 7.73
C ASP B 139 -12.58 8.21 8.96
N PRO B 140 -13.69 8.22 9.72
CA PRO B 140 -13.84 7.42 10.93
C PRO B 140 -14.08 5.91 10.79
N ASP B 141 -14.61 5.49 9.65
CA ASP B 141 -14.90 4.06 9.47
C ASP B 141 -13.70 3.14 9.72
N GLN B 142 -13.98 2.00 10.34
CA GLN B 142 -12.95 1.03 10.70
C GLN B 142 -12.20 0.42 9.52
N ASP B 143 -12.80 0.49 8.33
CA ASP B 143 -12.19 -0.05 7.11
C ASP B 143 -11.40 1.02 6.36
N ALA B 144 -11.60 2.28 6.74
CA ALA B 144 -10.93 3.39 6.07
C ALA B 144 -9.61 3.81 6.73
N THR B 145 -9.61 3.94 8.05
CA THR B 145 -8.44 4.39 8.77
C THR B 145 -8.06 3.41 9.85
N TYR B 146 -6.87 2.83 9.73
CA TYR B 146 -6.42 1.86 10.69
C TYR B 146 -4.93 1.67 10.53
N PHE B 147 -4.33 0.89 11.41
CA PHE B 147 -2.92 0.58 11.29
C PHE B 147 -2.69 -0.67 12.10
N GLY B 148 -1.56 -1.34 11.88
CA GLY B 148 -1.31 -2.55 12.61
C GLY B 148 0.04 -3.18 12.37
N ALA B 149 0.24 -4.35 12.95
CA ALA B 149 1.49 -5.06 12.81
C ALA B 149 1.34 -6.51 13.23
N PHE B 150 2.30 -7.33 12.83
CA PHE B 150 2.29 -8.73 13.21
C PHE B 150 3.70 -9.28 13.07
N LYS B 151 4.10 -10.08 14.05
CA LYS B 151 5.43 -10.66 14.06
C LYS B 151 5.56 -11.69 12.94
N VAL B 152 6.64 -11.58 12.19
CA VAL B 152 6.88 -12.49 11.08
C VAL B 152 7.91 -13.54 11.48
N GLN B 153 8.88 -13.13 12.30
CA GLN B 153 9.92 -14.04 12.76
C GLN B 153 10.70 -13.44 13.92
N ASP B 154 11.54 -14.25 14.56
CA ASP B 154 12.33 -13.78 15.69
C ASP B 154 13.66 -13.21 15.25
N ILE B 155 14.21 -12.33 16.07
CA ILE B 155 15.50 -11.69 15.78
C ILE B 155 16.63 -12.69 15.98
N ASP B 156 17.61 -12.65 15.09
CA ASP B 156 18.76 -13.54 15.15
C ASP B 156 19.93 -12.91 15.89
N ALA C 1 17.42 -19.16 9.61
CA ALA C 1 17.71 -17.77 9.14
C ALA C 1 16.81 -17.37 7.97
N GLN C 2 15.52 -17.19 8.24
CA GLN C 2 14.56 -16.80 7.21
C GLN C 2 14.99 -15.54 6.44
N PRO C 3 15.02 -15.63 5.10
CA PRO C 3 15.40 -14.53 4.22
C PRO C 3 14.51 -13.28 4.31
N PHE C 4 15.13 -12.12 4.22
CA PHE C 4 14.41 -10.86 4.26
C PHE C 4 15.32 -9.71 3.85
N ALA C 5 14.71 -8.57 3.56
CA ALA C 5 15.48 -7.41 3.16
C ALA C 5 14.62 -6.15 3.19
N HIS C 6 15.25 -5.05 3.60
CA HIS C 6 14.58 -3.76 3.67
C HIS C 6 15.64 -2.74 3.25
N LEU C 7 15.60 -2.39 1.97
CA LEU C 7 16.56 -1.45 1.41
C LEU C 7 16.03 -0.02 1.33
N THR C 8 16.89 0.93 1.67
CA THR C 8 16.55 2.35 1.62
C THR C 8 17.36 3.01 0.51
N ILE C 9 16.74 3.98 -0.16
CA ILE C 9 17.38 4.67 -1.27
C ILE C 9 18.64 5.45 -0.90
N ASN C 10 19.64 5.41 -1.78
CA ASN C 10 20.89 6.11 -1.57
C ASN C 10 20.91 7.31 -2.51
N ALA C 11 20.61 8.48 -1.97
CA ALA C 11 20.57 9.71 -2.74
C ALA C 11 21.93 10.07 -3.34
N ALA C 12 23.00 9.57 -2.72
CA ALA C 12 24.35 9.84 -3.19
C ALA C 12 24.62 9.29 -4.58
N SER C 13 23.56 8.89 -5.28
CA SER C 13 23.69 8.35 -6.63
C SER C 13 22.39 8.44 -7.41
N ILE C 14 21.50 9.32 -6.96
CA ILE C 14 20.22 9.51 -7.63
C ILE C 14 20.43 10.05 -9.05
N PRO C 15 20.16 9.22 -10.07
CA PRO C 15 20.32 9.61 -11.47
C PRO C 15 19.34 10.70 -11.90
N SER C 16 19.76 11.52 -12.86
CA SER C 16 18.90 12.59 -13.36
C SER C 16 18.04 12.08 -14.52
N GLY C 17 16.99 12.83 -14.84
CA GLY C 17 16.13 12.42 -15.92
C GLY C 17 14.68 12.25 -15.48
N SER C 18 13.81 12.02 -16.46
CA SER C 18 12.39 11.86 -16.18
C SER C 18 11.86 10.54 -16.72
N HIS C 19 12.67 9.89 -17.56
CA HIS C 19 12.26 8.62 -18.14
C HIS C 19 12.42 7.44 -17.20
N LYS C 20 11.73 6.35 -17.55
CA LYS C 20 11.74 5.12 -16.78
C LYS C 20 13.15 4.52 -16.67
N VAL C 21 13.68 4.48 -15.45
CA VAL C 21 15.00 3.93 -15.22
C VAL C 21 15.02 3.04 -13.98
N THR C 22 16.01 2.15 -13.92
CA THR C 22 16.17 1.26 -12.78
C THR C 22 16.99 1.97 -11.73
N LEU C 23 16.62 1.81 -10.47
CA LEU C 23 17.35 2.41 -9.36
C LEU C 23 18.38 1.37 -8.93
N SER C 24 19.63 1.78 -8.78
CA SER C 24 20.69 0.84 -8.42
C SER C 24 21.46 1.24 -7.16
N SER C 25 21.06 2.33 -6.54
CA SER C 25 21.74 2.80 -5.34
C SER C 25 20.86 2.65 -4.09
N TRP C 26 21.08 1.58 -3.33
CA TRP C 26 20.32 1.31 -2.11
C TRP C 26 21.23 0.97 -0.93
N TYR C 27 20.74 1.18 0.28
CA TYR C 27 21.49 0.87 1.49
C TYR C 27 21.01 -0.46 2.04
N HIS C 28 21.91 -1.27 2.57
CA HIS C 28 21.54 -2.56 3.13
C HIS C 28 21.96 -2.72 4.58
N ASP C 29 22.75 -1.78 5.09
CA ASP C 29 23.21 -1.87 6.48
C ASP C 29 23.40 -0.53 7.17
N ARG C 30 22.29 0.14 7.45
CA ARG C 30 22.30 1.43 8.14
C ARG C 30 20.87 1.87 8.39
N GLY C 31 20.59 2.30 9.61
CA GLY C 31 19.25 2.74 9.95
C GLY C 31 18.29 1.56 9.88
N TRP C 32 17.16 1.76 9.19
CA TRP C 32 16.16 0.71 9.04
C TRP C 32 16.60 -0.28 7.97
N ALA C 33 17.54 0.13 7.13
CA ALA C 33 18.04 -0.72 6.05
C ALA C 33 18.76 -1.95 6.61
N LYS C 34 18.16 -3.12 6.39
CA LYS C 34 18.71 -4.39 6.85
C LYS C 34 18.72 -5.39 5.71
N ILE C 35 19.22 -6.59 5.97
CA ILE C 35 19.29 -7.61 4.94
C ILE C 35 19.74 -8.94 5.53
N SER C 36 19.24 -10.05 5.00
CA SER C 36 19.61 -11.35 5.52
C SER C 36 19.27 -12.49 4.55
N ASN C 37 20.25 -13.37 4.35
CA ASN C 37 20.09 -14.52 3.47
C ASN C 37 19.85 -14.11 2.03
N MET C 38 19.77 -12.81 1.79
CA MET C 38 19.57 -12.28 0.45
C MET C 38 20.80 -11.43 0.10
N THR C 39 21.11 -11.32 -1.18
CA THR C 39 22.27 -10.54 -1.61
C THR C 39 21.85 -9.36 -2.47
N LEU C 40 22.58 -8.26 -2.35
CA LEU C 40 22.29 -7.07 -3.13
C LEU C 40 23.44 -6.70 -4.05
N SER C 41 23.12 -6.47 -5.32
CA SER C 41 24.12 -6.10 -6.31
C SER C 41 23.63 -4.87 -7.08
N ASN C 42 23.90 -3.70 -6.53
CA ASN C 42 23.48 -2.45 -7.16
C ASN C 42 22.00 -2.45 -7.52
N GLY C 43 21.16 -2.22 -6.52
CA GLY C 43 19.72 -2.17 -6.76
C GLY C 43 19.17 -3.42 -7.40
N LYS C 44 19.75 -4.56 -7.11
CA LYS C 44 19.28 -5.83 -7.67
C LYS C 44 19.28 -6.87 -6.56
N LEU C 45 18.17 -6.94 -5.83
CA LEU C 45 18.02 -7.90 -4.73
C LEU C 45 17.89 -9.32 -5.25
N ARG C 46 18.92 -10.13 -4.98
CA ARG C 46 18.94 -11.52 -5.41
C ARG C 46 18.43 -12.48 -4.35
N VAL C 47 17.58 -13.41 -4.76
CA VAL C 47 17.02 -14.41 -3.86
C VAL C 47 17.96 -15.61 -3.82
N ASN C 48 18.29 -16.07 -2.62
CA ASN C 48 19.19 -17.21 -2.47
C ASN C 48 18.46 -18.45 -2.00
N GLN C 49 17.28 -18.26 -1.43
CA GLN C 49 16.49 -19.38 -0.94
C GLN C 49 15.09 -19.36 -1.52
N ASP C 50 14.69 -20.49 -2.10
CA ASP C 50 13.37 -20.62 -2.69
C ASP C 50 12.31 -20.41 -1.61
N GLY C 51 11.16 -19.86 -2.01
CA GLY C 51 10.09 -19.64 -1.06
C GLY C 51 9.06 -18.61 -1.52
N PHE C 52 7.98 -18.50 -0.75
CA PHE C 52 6.94 -17.52 -1.07
C PHE C 52 7.28 -16.29 -0.27
N TYR C 53 7.54 -15.19 -0.98
CA TYR C 53 7.90 -13.95 -0.33
C TYR C 53 6.87 -12.86 -0.57
N TYR C 54 6.75 -11.97 0.39
CA TYR C 54 5.88 -10.83 0.23
C TYR C 54 6.86 -9.73 -0.14
N LEU C 55 6.58 -9.04 -1.23
CA LEU C 55 7.44 -7.97 -1.71
C LEU C 55 6.67 -6.66 -1.58
N TYR C 56 7.40 -5.57 -1.37
CA TYR C 56 6.74 -4.29 -1.23
C TYR C 56 7.69 -3.17 -1.59
N ALA C 57 7.13 -2.00 -1.85
CA ALA C 57 7.92 -0.83 -2.20
C ALA C 57 7.11 0.43 -1.92
N ASN C 58 7.80 1.44 -1.39
CA ASN C 58 7.19 2.72 -1.09
C ASN C 58 8.13 3.77 -1.69
N ILE C 59 7.67 4.46 -2.73
CA ILE C 59 8.45 5.50 -3.39
C ILE C 59 7.75 6.85 -3.25
N CYS C 60 8.45 7.85 -2.72
CA CYS C 60 7.88 9.19 -2.55
C CYS C 60 8.53 10.19 -3.51
N PHE C 61 7.70 10.94 -4.22
CA PHE C 61 8.17 11.96 -5.15
C PHE C 61 7.79 13.32 -4.56
N ARG C 62 8.63 14.31 -4.80
CA ARG C 62 8.36 15.64 -4.27
C ARG C 62 9.06 16.68 -5.12
N HIS C 63 8.59 17.92 -5.01
CA HIS C 63 9.20 19.02 -5.75
C HIS C 63 8.82 20.34 -5.12
N HIS C 64 9.83 21.15 -4.82
CA HIS C 64 9.58 22.46 -4.25
C HIS C 64 9.95 23.47 -5.33
N GLU C 65 9.17 24.53 -5.45
CA GLU C 65 9.41 25.57 -6.47
C GLU C 65 10.82 26.15 -6.40
N THR C 66 11.40 26.10 -5.19
CA THR C 66 12.73 26.63 -4.93
C THR C 66 13.82 25.83 -5.63
N SER C 67 13.51 24.61 -6.02
CA SER C 67 14.46 23.74 -6.69
C SER C 67 14.61 24.09 -8.16
N GLY C 68 13.71 24.92 -8.68
CA GLY C 68 13.79 25.28 -10.08
C GLY C 68 12.63 24.73 -10.90
N SER C 69 12.78 24.75 -12.22
CA SER C 69 11.72 24.28 -13.10
C SER C 69 11.83 22.80 -13.48
N VAL C 70 10.71 22.24 -13.91
CA VAL C 70 10.66 20.83 -14.35
C VAL C 70 10.27 20.84 -15.82
N PRO C 71 10.84 19.91 -16.61
CA PRO C 71 10.54 19.81 -18.04
C PRO C 71 9.08 20.03 -18.39
N THR C 72 8.20 19.33 -17.70
CA THR C 72 6.76 19.47 -17.97
C THR C 72 5.96 19.41 -16.68
N ASP C 73 4.79 20.06 -16.68
CA ASP C 73 3.92 20.09 -15.52
C ASP C 73 3.09 18.82 -15.37
N TYR C 74 2.84 18.14 -16.47
CA TYR C 74 2.05 16.91 -16.45
C TYR C 74 3.02 15.75 -16.28
N LEU C 75 3.08 15.23 -15.07
CA LEU C 75 3.98 14.14 -14.74
C LEU C 75 3.32 12.77 -14.68
N GLN C 76 4.16 11.74 -14.78
CA GLN C 76 3.73 10.36 -14.69
C GLN C 76 4.64 9.74 -13.65
N LEU C 77 4.14 9.67 -12.42
CA LEU C 77 4.92 9.12 -11.31
C LEU C 77 4.60 7.64 -11.14
N MET C 78 5.46 6.80 -11.70
CA MET C 78 5.29 5.35 -11.69
C MET C 78 6.39 4.59 -10.97
N VAL C 79 6.01 3.43 -10.45
CA VAL C 79 6.96 2.56 -9.80
C VAL C 79 6.69 1.16 -10.37
N TYR C 80 7.74 0.41 -10.61
CA TYR C 80 7.62 -0.94 -11.14
C TYR C 80 8.55 -1.86 -10.37
N VAL C 81 8.02 -2.96 -9.86
CA VAL C 81 8.84 -3.93 -9.15
C VAL C 81 9.00 -5.04 -10.17
N VAL C 82 10.24 -5.20 -10.63
CA VAL C 82 10.57 -6.16 -11.67
C VAL C 82 11.37 -7.38 -11.20
N LYS C 83 11.17 -8.49 -11.89
CA LYS C 83 11.90 -9.71 -11.59
C LYS C 83 12.74 -10.10 -12.79
N THR C 84 14.00 -10.44 -12.52
CA THR C 84 14.94 -10.84 -13.57
C THR C 84 15.69 -12.08 -13.11
N SER C 85 16.22 -12.85 -14.06
CA SER C 85 16.95 -14.06 -13.73
C SER C 85 17.82 -14.54 -14.88
N ILE C 86 18.73 -15.46 -14.56
CA ILE C 86 19.63 -16.03 -15.56
C ILE C 86 18.87 -16.69 -16.70
N LYS C 87 17.90 -17.54 -16.38
CA LYS C 87 17.11 -18.23 -17.40
C LYS C 87 16.26 -17.21 -18.16
N ILE C 88 15.62 -16.30 -17.42
CA ILE C 88 14.78 -15.27 -18.02
C ILE C 88 15.44 -13.91 -17.83
N PRO C 89 16.32 -13.53 -18.77
CA PRO C 89 17.04 -12.26 -18.72
C PRO C 89 16.13 -11.04 -18.88
N SER C 90 15.14 -11.16 -19.74
CA SER C 90 14.21 -10.06 -19.97
C SER C 90 13.51 -9.70 -18.66
N SER C 91 13.05 -8.46 -18.56
CA SER C 91 12.37 -7.99 -17.36
C SER C 91 10.86 -8.26 -17.41
N HIS C 92 10.29 -8.62 -16.28
CA HIS C 92 8.86 -8.86 -16.17
C HIS C 92 8.35 -8.20 -14.91
N ASN C 93 7.31 -7.37 -15.04
CA ASN C 93 6.75 -6.69 -13.90
C ASN C 93 5.95 -7.61 -12.98
N LEU C 94 6.22 -7.51 -11.69
CA LEU C 94 5.48 -8.27 -10.70
C LEU C 94 4.34 -7.35 -10.20
N MET C 95 4.68 -6.07 -10.03
CA MET C 95 3.73 -5.08 -9.55
C MET C 95 3.98 -3.74 -10.21
N LYS C 96 2.92 -2.93 -10.30
CA LYS C 96 2.98 -1.62 -10.89
C LYS C 96 2.06 -0.69 -10.11
N GLY C 97 2.51 0.55 -9.89
CA GLY C 97 1.70 1.51 -9.16
C GLY C 97 2.08 2.91 -9.58
N GLY C 98 1.22 3.87 -9.29
CA GLY C 98 1.56 5.23 -9.67
C GLY C 98 0.40 6.10 -10.07
N SER C 99 0.71 7.29 -10.56
CA SER C 99 -0.33 8.21 -10.96
C SER C 99 0.19 9.35 -11.80
N THR C 100 -0.66 9.85 -12.67
CA THR C 100 -0.32 11.00 -13.47
C THR C 100 -0.67 12.15 -12.51
N LYS C 101 0.18 13.18 -12.49
CA LYS C 101 -0.04 14.32 -11.63
C LYS C 101 0.30 15.60 -12.37
N ASN C 102 -0.57 16.58 -12.22
CA ASN C 102 -0.38 17.88 -12.84
C ASN C 102 0.18 18.74 -11.71
N TRP C 103 1.46 19.04 -11.78
CA TRP C 103 2.08 19.86 -10.76
C TRP C 103 2.30 21.29 -11.25
N SER C 104 1.22 21.91 -11.74
CA SER C 104 1.24 23.29 -12.23
C SER C 104 0.84 24.23 -11.11
N GLY C 105 0.27 25.36 -11.48
CA GLY C 105 -0.18 26.35 -10.50
C GLY C 105 0.94 27.04 -9.76
N ASN C 106 0.57 27.94 -8.86
CA ASN C 106 1.56 28.67 -8.08
C ASN C 106 1.85 27.99 -6.75
N SER C 107 1.37 26.75 -6.59
CA SER C 107 1.61 26.04 -5.34
C SER C 107 3.12 25.92 -5.11
N GLU C 108 3.55 26.10 -3.87
CA GLU C 108 4.96 26.04 -3.53
C GLU C 108 5.55 24.64 -3.47
N PHE C 109 4.83 23.70 -2.87
CA PHE C 109 5.32 22.34 -2.72
C PHE C 109 4.35 21.26 -3.22
N HIS C 110 4.92 20.25 -3.89
CA HIS C 110 4.13 19.14 -4.41
C HIS C 110 4.72 17.84 -3.89
N PHE C 111 3.83 16.93 -3.48
CA PHE C 111 4.26 15.64 -2.95
C PHE C 111 3.30 14.53 -3.36
N TYR C 112 3.82 13.31 -3.43
CA TYR C 112 3.02 12.16 -3.78
C TYR C 112 3.79 10.87 -3.54
N SER C 113 3.19 9.95 -2.82
CA SER C 113 3.83 8.67 -2.56
C SER C 113 3.07 7.52 -3.20
N ILE C 114 3.80 6.45 -3.51
CA ILE C 114 3.21 5.27 -4.13
C ILE C 114 3.63 4.05 -3.34
N ASN C 115 2.71 3.10 -3.19
CA ASN C 115 3.00 1.88 -2.45
C ASN C 115 2.39 0.68 -3.18
N VAL C 116 3.14 -0.43 -3.20
CA VAL C 116 2.68 -1.67 -3.81
C VAL C 116 3.14 -2.82 -2.91
N GLY C 117 2.36 -3.90 -2.90
CA GLY C 117 2.70 -5.06 -2.12
C GLY C 117 2.08 -6.27 -2.80
N GLY C 118 2.68 -7.44 -2.62
CA GLY C 118 2.15 -8.65 -3.22
C GLY C 118 2.87 -9.89 -2.73
N PHE C 119 2.24 -11.04 -2.91
CA PHE C 119 2.78 -12.34 -2.48
C PHE C 119 3.28 -13.07 -3.73
N PHE C 120 4.57 -13.40 -3.78
CA PHE C 120 5.11 -14.08 -4.95
C PHE C 120 6.01 -15.27 -4.67
N LYS C 121 6.02 -16.22 -5.60
CA LYS C 121 6.86 -17.40 -5.49
C LYS C 121 8.19 -17.05 -6.14
N LEU C 122 9.27 -17.16 -5.37
CA LEU C 122 10.60 -16.83 -5.88
C LEU C 122 11.58 -17.99 -5.77
N ARG C 123 12.38 -18.18 -6.82
CA ARG C 123 13.39 -19.23 -6.86
C ARG C 123 14.77 -18.60 -6.73
N ALA C 124 15.68 -19.27 -6.02
CA ALA C 124 17.04 -18.76 -5.85
C ALA C 124 17.59 -18.41 -7.23
N GLY C 125 18.30 -17.29 -7.32
CA GLY C 125 18.84 -16.87 -8.59
C GLY C 125 18.04 -15.73 -9.20
N GLU C 126 16.75 -15.68 -8.87
CA GLU C 126 15.89 -14.61 -9.38
C GLU C 126 16.23 -13.32 -8.64
N GLU C 127 16.08 -12.20 -9.32
CA GLU C 127 16.38 -10.92 -8.71
C GLU C 127 15.24 -9.93 -8.88
N ILE C 128 14.99 -9.13 -7.84
CA ILE C 128 13.96 -8.12 -7.90
C ILE C 128 14.64 -6.76 -7.92
N SER C 129 14.15 -5.86 -8.77
CA SER C 129 14.71 -4.53 -8.87
C SER C 129 13.59 -3.51 -8.92
N ILE C 130 13.92 -2.25 -8.71
CA ILE C 130 12.94 -1.19 -8.70
C ILE C 130 13.13 -0.20 -9.83
N GLN C 131 12.12 -0.10 -10.70
CA GLN C 131 12.16 0.84 -11.81
C GLN C 131 11.16 1.97 -11.51
N VAL C 132 11.58 3.21 -11.76
CA VAL C 132 10.70 4.35 -11.52
C VAL C 132 10.90 5.42 -12.59
N SER C 133 9.89 6.26 -12.77
CA SER C 133 9.97 7.37 -13.70
C SER C 133 10.38 8.58 -12.85
N ASN C 134 10.76 9.67 -13.50
CA ASN C 134 11.18 10.89 -12.80
C ASN C 134 12.03 10.63 -11.55
N PRO C 135 13.15 9.91 -11.69
CA PRO C 135 14.00 9.63 -10.53
C PRO C 135 14.61 10.90 -9.89
N SER C 136 14.57 12.02 -10.59
CA SER C 136 15.13 13.25 -10.01
C SER C 136 14.21 13.84 -8.95
N LEU C 137 12.94 13.43 -8.97
CA LEU C 137 11.98 13.94 -7.99
C LEU C 137 11.85 13.06 -6.76
N LEU C 138 12.63 11.99 -6.71
CA LEU C 138 12.56 11.07 -5.58
C LEU C 138 12.94 11.70 -4.24
N ASP C 139 12.24 11.27 -3.19
CA ASP C 139 12.53 11.75 -1.84
C ASP C 139 13.66 10.84 -1.39
N PRO C 140 14.74 11.43 -0.84
CA PRO C 140 15.92 10.71 -0.36
C PRO C 140 15.83 10.03 1.00
N ASP C 141 14.91 10.47 1.85
CA ASP C 141 14.78 9.87 3.17
C ASP C 141 14.50 8.37 3.13
N GLN C 142 15.03 7.65 4.12
CA GLN C 142 14.86 6.20 4.21
C GLN C 142 13.44 5.78 4.57
N ASP C 143 12.66 6.69 5.14
CA ASP C 143 11.29 6.35 5.51
C ASP C 143 10.36 6.70 4.36
N ALA C 144 10.91 7.37 3.35
CA ALA C 144 10.14 7.81 2.20
C ALA C 144 10.23 6.90 0.99
N THR C 145 11.45 6.53 0.62
CA THR C 145 11.68 5.70 -0.55
C THR C 145 12.44 4.43 -0.19
N TYR C 146 11.73 3.29 -0.22
CA TYR C 146 12.34 2.02 0.13
C TYR C 146 11.55 0.87 -0.47
N PHE C 147 12.13 -0.33 -0.42
CA PHE C 147 11.48 -1.52 -0.94
C PHE C 147 12.08 -2.72 -0.24
N GLY C 148 11.28 -3.77 -0.03
CA GLY C 148 11.78 -4.93 0.67
C GLY C 148 11.11 -6.25 0.33
N ALA C 149 11.50 -7.28 1.06
CA ALA C 149 10.97 -8.63 0.86
C ALA C 149 11.20 -9.47 2.12
N PHE C 150 10.37 -10.48 2.30
CA PHE C 150 10.53 -11.37 3.44
C PHE C 150 9.79 -12.67 3.18
N LYS C 151 10.50 -13.78 3.36
CA LYS C 151 9.96 -15.10 3.14
C LYS C 151 8.84 -15.38 4.13
N VAL C 152 7.74 -15.93 3.62
CA VAL C 152 6.60 -16.23 4.47
C VAL C 152 6.46 -17.73 4.68
N GLN C 153 6.82 -18.51 3.65
CA GLN C 153 6.72 -19.95 3.74
C GLN C 153 7.46 -20.62 2.59
N ASP C 154 7.87 -21.88 2.79
CA ASP C 154 8.59 -22.63 1.79
C ASP C 154 7.69 -23.02 0.63
N ILE C 155 8.30 -23.35 -0.51
CA ILE C 155 7.56 -23.75 -1.69
C ILE C 155 7.15 -25.21 -1.60
N ASP C 156 5.91 -25.44 -1.15
CA ASP C 156 5.35 -26.78 -1.02
C ASP C 156 6.37 -27.83 -0.58
#